data_4GNP
#
_entry.id   4GNP
#
_cell.length_a   60.875
_cell.length_b   84.612
_cell.length_c   118.842
_cell.angle_alpha   90.000
_cell.angle_beta   90.000
_cell.angle_gamma   90.000
#
_symmetry.space_group_name_H-M   'P 21 21 21'
#
loop_
_entity.id
_entity.type
_entity.pdbx_description
1 polymer 'Phosphoenolpyruvate carboxykinase, cytosolic [GTP]'
2 non-polymer "GUANOSINE-5'-DIPHOSPHATE"
3 non-polymer 'MANGANESE (II) ION'
4 non-polymer PHOSPHOENOLPYRUVATE
5 non-polymer 'SODIUM ION'
6 water water
#
_entity_poly.entity_id   1
_entity_poly.type   'polypeptide(L)'
_entity_poly.pdbx_seq_one_letter_code
;MPPQLHNGLDFSAKVIQGSLDSLPQEVRKFVEGNAQLCQPEYIHICDGSEEEYGRLLAHMQEEGVIRKLKKYDNCWLALT
DPRDVARIESKTVIITQEQRDTVPIPKSGQSQLGRWMSEEDFEKAFNARFPGCMKGRTMYVIPFSMGPLGSPLAKIGIEL
TDSPYVVASMRIMTRMGTSVLEALGDGEFIKCLHSVGCPLPLKKPLVNNWACNPELTLIAHLPDRREIISFGSGYGGNSL
LGKKCFALRIASRLAKEEGWLAEHMLILGITNPEGKKKYLAAAFPSACGKTNLAMMNPTLPGWKVECVGDDIAWMKFDAQ
GNLRAINPENGFFGVAPGTSVKTNPNAIKTIQKNTIFTNVAETSDGGVYWEGIDEPLAPGVTITSWKNKEWRPQDEEPCA
HPNSRFCTPASQCPIIDPAWESPEGVPIEGIIFGGRRPAGVPLVYEALSWQHGVFVGAAMRSEGGGIMHDPFAMRPFFGY
NFGKYLAHWLSMAHRPAAKLPKIFHVNWFRKDKNGKFLWPGFGENSRVLEWMFGRIEGEDSAKLTPIGYVPKEDALNLKG
LGDVNVEELFGISKEFWEKEVEEIDKYLEDQVNADLPYEIERELRALKQRISQM
;
_entity_poly.pdbx_strand_id   A
#
loop_
_chem_comp.id
_chem_comp.type
_chem_comp.name
_chem_comp.formula
GDP RNA linking GUANOSINE-5'-DIPHOSPHATE 'C10 H15 N5 O11 P2'
MN non-polymer 'MANGANESE (II) ION' 'Mn 2'
NA non-polymer 'SODIUM ION' 'Na 1'
PEP non-polymer PHOSPHOENOLPYRUVATE 'C3 H5 O6 P'
#
# COMPACT_ATOMS: atom_id res chain seq x y z
N ASP A 10 -22.77 -30.91 5.95
CA ASP A 10 -22.23 -30.55 7.30
C ASP A 10 -20.75 -30.92 7.43
N PHE A 11 -19.93 -29.90 7.63
CA PHE A 11 -18.49 -30.12 7.63
C PHE A 11 -17.92 -30.17 9.03
N SER A 12 -18.80 -30.27 10.02
CA SER A 12 -18.37 -30.39 11.41
C SER A 12 -17.24 -31.42 11.64
N ALA A 13 -17.29 -32.58 10.98
CA ALA A 13 -16.32 -33.64 11.27
C ALA A 13 -14.91 -33.23 10.94
N LYS A 14 -14.77 -32.18 10.13
CA LYS A 14 -13.45 -31.77 9.62
C LYS A 14 -12.87 -30.53 10.32
N VAL A 15 -13.63 -29.99 11.27
CA VAL A 15 -13.15 -28.83 12.04
C VAL A 15 -12.11 -29.21 13.09
N ILE A 16 -10.89 -28.72 12.93
CA ILE A 16 -9.82 -29.08 13.88
C ILE A 16 -9.49 -27.98 14.88
N GLN A 17 -10.12 -26.82 14.69
CA GLN A 17 -10.13 -25.79 15.72
C GLN A 17 -11.35 -24.92 15.55
N GLY A 18 -11.99 -24.62 16.68
CA GLY A 18 -13.18 -23.81 16.69
C GLY A 18 -14.44 -24.63 16.54
N SER A 19 -15.52 -23.96 16.20
CA SER A 19 -16.79 -24.62 16.01
C SER A 19 -17.60 -23.91 14.94
N LEU A 20 -18.10 -24.65 13.96
CA LEU A 20 -19.01 -24.07 12.98
C LEU A 20 -20.26 -23.50 13.66
N ASP A 21 -20.64 -24.08 14.81
CA ASP A 21 -21.87 -23.70 15.51
C ASP A 21 -21.81 -22.33 16.10
N SER A 22 -20.61 -21.87 16.42
CA SER A 22 -20.43 -20.57 17.06
C SER A 22 -20.12 -19.44 16.07
N LEU A 23 -20.10 -19.75 14.77
CA LEU A 23 -19.93 -18.73 13.75
C LEU A 23 -21.28 -18.07 13.44
N PRO A 24 -21.28 -16.75 13.19
CA PRO A 24 -22.49 -16.09 12.72
C PRO A 24 -23.00 -16.82 11.48
N GLN A 25 -24.32 -16.84 11.29
CA GLN A 25 -24.94 -17.61 10.21
C GLN A 25 -24.36 -17.34 8.82
N GLU A 26 -24.10 -16.08 8.49
CA GLU A 26 -23.56 -15.73 7.19
C GLU A 26 -22.13 -16.21 7.05
N VAL A 27 -21.38 -16.18 8.14
CA VAL A 27 -20.00 -16.65 8.11
C VAL A 27 -20.00 -18.15 7.86
N ARG A 28 -20.82 -18.88 8.62
CA ARG A 28 -20.93 -20.33 8.46
C ARG A 28 -21.24 -20.71 7.02
N LYS A 29 -22.24 -20.05 6.44
CA LYS A 29 -22.59 -20.28 5.04
C LYS A 29 -21.40 -20.13 4.12
N PHE A 30 -20.67 -19.03 4.29
CA PHE A 30 -19.45 -18.76 3.52
C PHE A 30 -18.46 -19.92 3.62
N VAL A 31 -18.16 -20.30 4.85
CA VAL A 31 -17.20 -21.37 5.11
C VAL A 31 -17.67 -22.71 4.50
N GLU A 32 -18.91 -23.09 4.80
CA GLU A 32 -19.39 -24.41 4.37
C GLU A 32 -19.54 -24.52 2.84
N GLY A 33 -20.05 -23.46 2.21
CA GLY A 33 -20.23 -23.39 0.74
C GLY A 33 -18.87 -23.62 0.10
N ASN A 34 -17.86 -22.94 0.63
CA ASN A 34 -16.52 -23.09 0.11
C ASN A 34 -15.79 -24.37 0.49
N ALA A 35 -16.06 -24.90 1.69
CA ALA A 35 -15.60 -26.24 2.02
C ALA A 35 -16.15 -27.30 1.04
N GLN A 36 -17.41 -27.18 0.65
CA GLN A 36 -17.97 -28.15 -0.32
C GLN A 36 -17.33 -27.99 -1.68
N LEU A 37 -17.10 -26.75 -2.10
CA LEU A 37 -16.46 -26.50 -3.41
C LEU A 37 -14.99 -26.92 -3.47
N CYS A 38 -14.22 -26.42 -2.50
CA CYS A 38 -12.76 -26.60 -2.50
C CYS A 38 -12.26 -27.95 -1.95
N GLN A 39 -13.10 -28.62 -1.15
CA GLN A 39 -12.78 -29.96 -0.63
CA GLN A 39 -12.76 -29.98 -0.66
C GLN A 39 -11.52 -30.04 0.23
N PRO A 40 -11.36 -29.08 1.19
CA PRO A 40 -10.25 -29.19 2.12
C PRO A 40 -10.36 -30.43 3.00
N GLU A 41 -9.21 -30.92 3.44
CA GLU A 41 -9.19 -32.06 4.35
CA GLU A 41 -9.16 -32.05 4.36
C GLU A 41 -9.64 -31.63 5.75
N TYR A 42 -9.21 -30.43 6.15
CA TYR A 42 -9.50 -29.90 7.48
C TYR A 42 -9.97 -28.44 7.40
N ILE A 43 -10.65 -27.98 8.46
CA ILE A 43 -11.13 -26.61 8.55
C ILE A 43 -10.61 -26.12 9.89
N HIS A 44 -9.82 -25.05 9.87
CA HIS A 44 -9.24 -24.48 11.10
C HIS A 44 -9.75 -23.08 11.25
N ILE A 45 -10.59 -22.84 12.28
CA ILE A 45 -11.11 -21.50 12.51
C ILE A 45 -10.11 -20.81 13.42
N CYS A 46 -9.46 -19.79 12.88
CA CYS A 46 -8.34 -19.09 13.54
C CYS A 46 -8.89 -18.30 14.74
N ASP A 47 -8.18 -18.34 15.88
CA ASP A 47 -8.56 -17.57 17.07
C ASP A 47 -7.66 -16.36 17.28
N GLY A 48 -6.54 -16.30 16.54
CA GLY A 48 -5.63 -15.15 16.63
C GLY A 48 -4.68 -15.16 17.83
N SER A 49 -4.75 -16.21 18.63
CA SER A 49 -3.96 -16.31 19.88
C SER A 49 -2.47 -16.51 19.61
N GLU A 50 -1.62 -16.17 20.59
CA GLU A 50 -0.18 -16.43 20.50
C GLU A 50 0.14 -17.90 20.25
N GLU A 51 -0.60 -18.76 20.94
CA GLU A 51 -0.35 -20.20 20.92
C GLU A 51 -0.55 -20.72 19.49
N GLU A 52 -1.67 -20.32 18.91
CA GLU A 52 -1.99 -20.67 17.53
C GLU A 52 -0.87 -20.28 16.57
N TYR A 53 -0.43 -19.02 16.69
CA TYR A 53 0.62 -18.44 15.87
C TYR A 53 1.95 -19.22 15.98
N GLY A 54 2.40 -19.42 17.22
CA GLY A 54 3.67 -20.10 17.47
C GLY A 54 3.74 -21.50 16.87
N ARG A 55 2.69 -22.26 17.03
CA ARG A 55 2.63 -23.61 16.51
C ARG A 55 2.57 -23.67 14.98
N LEU A 56 1.77 -22.77 14.41
CA LEU A 56 1.72 -22.56 12.94
C LEU A 56 3.12 -22.30 12.40
N LEU A 57 3.86 -21.41 13.06
CA LEU A 57 5.24 -21.16 12.67
C LEU A 57 6.12 -22.40 12.77
N ALA A 58 5.97 -23.13 13.88
CA ALA A 58 6.85 -24.28 14.14
C ALA A 58 6.57 -25.38 13.11
N HIS A 59 5.29 -25.58 12.81
CA HIS A 59 4.83 -26.44 11.73
C HIS A 59 5.34 -26.08 10.37
N MET A 60 5.23 -24.81 9.96
CA MET A 60 5.87 -24.38 8.73
C MET A 60 7.37 -24.66 8.78
N GLN A 61 7.96 -24.49 9.96
CA GLN A 61 9.39 -24.76 10.11
C GLN A 61 9.63 -26.26 10.00
N GLU A 62 8.78 -27.03 10.67
CA GLU A 62 8.81 -28.51 10.63
C GLU A 62 8.84 -28.96 9.16
N GLU A 63 8.00 -28.36 8.33
CA GLU A 63 7.85 -28.74 6.92
C GLU A 63 8.87 -28.15 5.96
N GLY A 64 9.72 -27.25 6.46
CA GLY A 64 10.66 -26.52 5.60
C GLY A 64 10.05 -25.39 4.74
N VAL A 65 8.82 -25.00 5.04
CA VAL A 65 8.19 -23.86 4.34
C VAL A 65 8.81 -22.52 4.79
N ILE A 66 9.17 -22.44 6.07
CA ILE A 66 9.94 -21.28 6.54
C ILE A 66 11.18 -21.73 7.32
N ARG A 67 12.12 -20.80 7.51
CA ARG A 67 13.32 -21.01 8.34
C ARG A 67 13.33 -20.00 9.48
N LYS A 68 13.73 -20.40 10.69
CA LYS A 68 13.93 -19.45 11.78
C LYS A 68 15.27 -18.76 11.61
N LEU A 69 15.29 -17.44 11.78
CA LEU A 69 16.54 -16.68 11.67
C LEU A 69 17.12 -16.57 13.07
N LYS A 70 18.20 -17.30 13.33
CA LYS A 70 18.64 -17.49 14.74
C LYS A 70 19.22 -16.25 15.41
N LYS A 71 19.63 -15.27 14.60
CA LYS A 71 20.20 -14.02 15.11
C LYS A 71 19.18 -13.14 15.84
N TYR A 72 17.87 -13.32 15.59
CA TYR A 72 16.86 -12.45 16.19
C TYR A 72 15.87 -13.12 17.07
N ASP A 73 15.09 -12.30 17.77
CA ASP A 73 13.97 -12.74 18.58
C ASP A 73 12.78 -13.04 17.65
N ASN A 74 12.49 -14.32 17.45
CA ASN A 74 11.27 -14.72 16.75
C ASN A 74 11.17 -14.13 15.33
N CYS A 75 12.21 -14.28 14.52
CA CYS A 75 12.10 -13.87 13.12
C CYS A 75 12.24 -15.04 12.19
N TRP A 76 11.54 -14.95 11.07
CA TRP A 76 11.39 -16.05 10.13
C TRP A 76 11.67 -15.64 8.72
N LEU A 77 12.08 -16.60 7.88
CA LEU A 77 12.39 -16.37 6.46
C LEU A 77 11.65 -17.37 5.55
N ALA A 78 10.92 -16.83 4.56
CA ALA A 78 10.30 -17.63 3.53
C ALA A 78 10.99 -17.26 2.22
N LEU A 79 11.41 -18.27 1.48
CA LEU A 79 11.99 -18.13 0.14
C LEU A 79 10.99 -18.76 -0.84
N THR A 80 10.60 -17.99 -1.87
CA THR A 80 9.49 -18.45 -2.70
C THR A 80 9.99 -19.14 -3.95
N ASP A 81 9.04 -19.77 -4.63
CA ASP A 81 9.19 -20.15 -6.02
C ASP A 81 9.42 -18.81 -6.76
N PRO A 82 10.45 -18.74 -7.63
CA PRO A 82 10.76 -17.46 -8.28
C PRO A 82 9.69 -17.01 -9.30
N ARG A 83 8.76 -17.90 -9.66
CA ARG A 83 7.59 -17.49 -10.45
C ARG A 83 6.55 -16.69 -9.64
N ASP A 84 6.68 -16.73 -8.31
CA ASP A 84 5.69 -16.13 -7.44
C ASP A 84 6.39 -15.19 -6.48
N VAL A 85 6.73 -14.00 -6.99
CA VAL A 85 7.54 -13.01 -6.23
C VAL A 85 6.88 -11.62 -6.07
N ALA A 86 5.65 -11.43 -6.58
CA ALA A 86 5.04 -10.09 -6.58
C ALA A 86 3.53 -10.12 -6.86
N ARG A 87 2.83 -9.07 -6.42
CA ARG A 87 1.50 -8.74 -6.91
C ARG A 87 1.62 -8.70 -8.45
N ILE A 88 0.70 -9.37 -9.17
CA ILE A 88 0.75 -9.40 -10.65
CA ILE A 88 0.77 -9.34 -10.63
C ILE A 88 -0.43 -8.61 -11.23
N GLU A 89 -0.19 -7.38 -11.65
CA GLU A 89 -1.24 -6.53 -12.22
CA GLU A 89 -1.26 -6.55 -12.20
C GLU A 89 -2.00 -7.20 -13.36
N SER A 90 -1.28 -7.89 -14.24
CA SER A 90 -1.95 -8.42 -15.44
C SER A 90 -2.90 -9.59 -15.14
N LYS A 91 -2.82 -10.14 -13.93
CA LYS A 91 -3.74 -11.19 -13.55
C LYS A 91 -4.71 -10.69 -12.48
N THR A 92 -4.78 -9.37 -12.34
CA THR A 92 -5.67 -8.70 -11.37
C THR A 92 -6.85 -8.00 -12.06
N VAL A 93 -8.08 -8.40 -11.70
CA VAL A 93 -9.23 -7.91 -12.43
C VAL A 93 -10.36 -7.43 -11.52
N ILE A 94 -11.24 -6.60 -12.06
CA ILE A 94 -12.45 -6.23 -11.34
C ILE A 94 -13.63 -6.60 -12.24
N ILE A 95 -14.62 -7.29 -11.67
CA ILE A 95 -15.84 -7.70 -12.35
C ILE A 95 -16.99 -6.73 -12.05
N THR A 96 -17.62 -6.19 -13.09
CA THR A 96 -18.87 -5.44 -12.97
C THR A 96 -19.75 -5.72 -14.20
N GLN A 97 -21.04 -5.43 -14.08
CA GLN A 97 -21.97 -5.58 -15.23
C GLN A 97 -21.50 -4.85 -16.46
N GLU A 98 -21.13 -3.58 -16.29
CA GLU A 98 -20.62 -2.69 -17.34
C GLU A 98 -19.12 -2.44 -17.12
N GLN A 99 -18.33 -2.62 -18.18
CA GLN A 99 -16.89 -2.30 -18.15
C GLN A 99 -16.59 -0.85 -17.77
N ARG A 100 -17.36 0.10 -18.30
CA ARG A 100 -17.16 1.52 -17.99
C ARG A 100 -17.33 1.90 -16.52
N ASP A 101 -18.01 1.08 -15.74
CA ASP A 101 -18.12 1.41 -14.32
C ASP A 101 -16.81 1.14 -13.59
N THR A 102 -16.02 0.24 -14.17
CA THR A 102 -14.74 -0.21 -13.58
C THR A 102 -13.54 0.59 -14.10
N VAL A 103 -13.58 0.97 -15.38
CA VAL A 103 -12.46 1.66 -16.01
CA VAL A 103 -12.45 1.67 -16.02
C VAL A 103 -12.96 2.58 -17.12
N PRO A 104 -12.28 3.72 -17.35
CA PRO A 104 -12.80 4.43 -18.51
C PRO A 104 -12.40 3.68 -19.79
N ILE A 105 -13.08 3.98 -20.90
CA ILE A 105 -12.76 3.33 -22.16
C ILE A 105 -11.67 4.14 -22.89
N PRO A 106 -10.48 3.54 -23.07
CA PRO A 106 -9.37 4.32 -23.62
C PRO A 106 -9.51 4.36 -25.13
N LYS A 107 -9.09 5.46 -25.73
CA LYS A 107 -9.12 5.59 -27.19
C LYS A 107 -8.17 4.62 -27.88
N SER A 108 -7.13 4.18 -27.17
CA SER A 108 -6.10 3.31 -27.75
C SER A 108 -6.45 1.82 -27.73
N GLY A 109 -7.40 1.42 -26.88
CA GLY A 109 -7.73 0.01 -26.70
C GLY A 109 -6.79 -0.69 -25.72
N GLN A 110 -6.36 0.05 -24.70
CA GLN A 110 -5.45 -0.47 -23.68
C GLN A 110 -5.48 0.47 -22.46
N SER A 111 -6.30 0.17 -21.45
CA SER A 111 -6.40 1.05 -20.24
C SER A 111 -5.25 0.79 -19.32
N GLN A 112 -4.66 1.88 -18.84
CA GLN A 112 -3.61 1.84 -17.86
C GLN A 112 -4.22 2.00 -16.45
N LEU A 113 -5.54 2.14 -16.37
CA LEU A 113 -6.17 2.51 -15.09
C LEU A 113 -7.03 1.40 -14.45
N GLY A 114 -6.98 0.19 -14.99
CA GLY A 114 -7.71 -0.94 -14.41
C GLY A 114 -7.77 -2.06 -15.43
N ARG A 115 -8.47 -3.13 -15.06
CA ARG A 115 -8.51 -4.34 -15.88
C ARG A 115 -9.85 -4.99 -15.58
N TRP A 116 -10.81 -4.72 -16.44
CA TRP A 116 -12.17 -5.29 -16.24
C TRP A 116 -12.29 -6.69 -16.76
N MET A 117 -13.09 -7.51 -16.08
CA MET A 117 -13.47 -8.84 -16.57
C MET A 117 -14.97 -8.98 -16.52
N SER A 118 -15.57 -9.57 -17.55
CA SER A 118 -17.03 -9.72 -17.50
C SER A 118 -17.41 -10.81 -16.50
N GLU A 119 -18.65 -10.77 -16.01
CA GLU A 119 -19.15 -11.78 -15.07
C GLU A 119 -19.08 -13.17 -15.69
N GLU A 120 -19.41 -13.24 -16.97
CA GLU A 120 -19.41 -14.50 -17.69
CA GLU A 120 -19.39 -14.47 -17.77
C GLU A 120 -18.01 -15.11 -17.79
N ASP A 121 -17.02 -14.30 -18.14
CA ASP A 121 -15.66 -14.76 -18.29
C ASP A 121 -15.15 -15.16 -16.90
N PHE A 122 -15.54 -14.41 -15.89
CA PHE A 122 -15.10 -14.77 -14.55
C PHE A 122 -15.66 -16.11 -14.08
N GLU A 123 -16.95 -16.33 -14.28
CA GLU A 123 -17.57 -17.60 -13.87
C GLU A 123 -16.84 -18.78 -14.54
N LYS A 124 -16.50 -18.66 -15.83
CA LYS A 124 -15.72 -19.73 -16.47
C LYS A 124 -14.35 -19.93 -15.81
N ALA A 125 -13.65 -18.83 -15.56
CA ALA A 125 -12.32 -18.87 -14.90
C ALA A 125 -12.38 -19.50 -13.50
N PHE A 126 -13.35 -19.06 -12.71
CA PHE A 126 -13.59 -19.58 -11.37
C PHE A 126 -13.83 -21.09 -11.39
N ASN A 127 -14.68 -21.56 -12.30
CA ASN A 127 -15.01 -22.99 -12.41
C ASN A 127 -13.84 -23.86 -12.89
N ALA A 128 -12.87 -23.24 -13.59
CA ALA A 128 -11.68 -23.89 -14.13
C ALA A 128 -10.57 -23.97 -13.08
N ARG A 129 -10.84 -23.37 -11.91
CA ARG A 129 -9.83 -23.22 -10.85
C ARG A 129 -10.23 -23.82 -9.49
N PHE A 130 -11.36 -23.38 -8.93
CA PHE A 130 -11.63 -23.66 -7.51
C PHE A 130 -12.18 -25.05 -7.15
N PRO A 131 -13.02 -25.65 -8.02
CA PRO A 131 -13.49 -26.99 -7.61
C PRO A 131 -12.37 -27.96 -7.21
N GLY A 132 -12.46 -28.50 -5.98
CA GLY A 132 -11.45 -29.41 -5.41
C GLY A 132 -10.03 -28.87 -5.14
N CYS A 133 -9.85 -27.54 -5.16
CA CYS A 133 -8.49 -26.98 -5.18
C CYS A 133 -7.74 -27.07 -3.84
N MET A 134 -8.47 -27.30 -2.76
CA MET A 134 -7.84 -27.49 -1.43
C MET A 134 -7.76 -28.95 -0.93
N LYS A 135 -8.00 -29.89 -1.84
CA LYS A 135 -7.96 -31.29 -1.45
C LYS A 135 -6.64 -31.58 -0.74
N GLY A 136 -6.74 -32.18 0.45
CA GLY A 136 -5.60 -32.60 1.24
C GLY A 136 -4.90 -31.49 1.97
N ARG A 137 -5.54 -30.32 2.03
CA ARG A 137 -5.05 -29.19 2.79
C ARG A 137 -6.05 -28.75 3.84
N THR A 138 -5.56 -27.87 4.72
CA THR A 138 -6.40 -27.26 5.69
C THR A 138 -6.89 -25.94 5.14
N MET A 139 -8.20 -25.72 5.21
CA MET A 139 -8.78 -24.43 4.93
C MET A 139 -8.79 -23.70 6.25
N TYR A 140 -8.02 -22.62 6.32
CA TYR A 140 -8.00 -21.78 7.52
C TYR A 140 -9.06 -20.71 7.33
N VAL A 141 -9.76 -20.37 8.42
CA VAL A 141 -10.75 -19.32 8.38
C VAL A 141 -10.20 -18.16 9.21
N ILE A 142 -9.91 -17.03 8.56
CA ILE A 142 -9.32 -15.86 9.21
C ILE A 142 -10.35 -14.75 9.34
N PRO A 143 -10.86 -14.52 10.56
CA PRO A 143 -11.76 -13.41 10.75
C PRO A 143 -10.92 -12.15 11.08
N PHE A 144 -11.01 -11.13 10.25
CA PHE A 144 -10.11 -9.98 10.42
C PHE A 144 -10.83 -8.62 10.36
N SER A 145 -10.30 -7.66 11.11
CA SER A 145 -10.73 -6.27 11.08
C SER A 145 -9.69 -5.42 10.37
N MET A 146 -10.17 -4.67 9.40
CA MET A 146 -9.40 -3.61 8.76
C MET A 146 -9.75 -2.33 9.51
N GLY A 147 -8.81 -1.89 10.35
CA GLY A 147 -9.05 -0.77 11.25
C GLY A 147 -9.16 -1.25 12.69
N PRO A 148 -9.03 -0.30 13.62
CA PRO A 148 -9.07 -0.67 15.04
C PRO A 148 -10.36 -1.38 15.33
N LEU A 149 -10.26 -2.45 16.10
CA LEU A 149 -11.41 -3.27 16.41
C LEU A 149 -12.55 -2.45 16.99
N GLY A 150 -13.71 -2.55 16.36
CA GLY A 150 -14.88 -1.76 16.74
C GLY A 150 -14.96 -0.31 16.31
N SER A 151 -13.91 0.21 15.66
CA SER A 151 -13.94 1.60 15.14
C SER A 151 -15.12 1.78 14.18
N PRO A 152 -15.83 2.93 14.26
CA PRO A 152 -16.90 3.20 13.31
C PRO A 152 -16.38 3.23 11.85
N LEU A 153 -15.07 3.43 11.68
CA LEU A 153 -14.41 3.50 10.35
C LEU A 153 -13.84 2.15 9.89
N ALA A 154 -13.88 1.14 10.76
CA ALA A 154 -13.38 -0.19 10.40
C ALA A 154 -14.36 -0.97 9.53
N LYS A 155 -13.83 -1.97 8.80
CA LYS A 155 -14.67 -2.90 8.06
C LYS A 155 -14.11 -4.29 8.29
N ILE A 156 -14.98 -5.29 8.32
CA ILE A 156 -14.57 -6.64 8.69
C ILE A 156 -14.58 -7.56 7.46
N GLY A 157 -13.55 -8.39 7.38
CA GLY A 157 -13.43 -9.45 6.37
C GLY A 157 -13.33 -10.86 6.98
N ILE A 158 -13.66 -11.87 6.18
CA ILE A 158 -13.31 -13.25 6.53
C ILE A 158 -12.46 -13.76 5.36
N GLU A 159 -11.22 -14.15 5.61
CA GLU A 159 -10.44 -14.78 4.55
C GLU A 159 -10.38 -16.29 4.77
N LEU A 160 -10.75 -17.05 3.73
CA LEU A 160 -10.47 -18.47 3.70
C LEU A 160 -9.21 -18.67 2.86
N THR A 161 -8.27 -19.42 3.39
CA THR A 161 -7.03 -19.69 2.67
C THR A 161 -6.54 -21.10 2.97
N ASP A 162 -5.82 -21.70 2.02
CA ASP A 162 -5.15 -22.94 2.31
C ASP A 162 -3.65 -22.75 2.65
N SER A 163 -3.22 -21.52 2.94
CA SER A 163 -1.79 -21.22 3.15
C SER A 163 -1.54 -20.78 4.60
N PRO A 164 -0.75 -21.57 5.34
CA PRO A 164 -0.38 -21.14 6.71
C PRO A 164 0.44 -19.86 6.69
N TYR A 165 1.21 -19.65 5.62
CA TYR A 165 1.98 -18.39 5.47
C TYR A 165 1.07 -17.18 5.42
N VAL A 166 -0.08 -17.32 4.73
CA VAL A 166 -1.10 -16.28 4.71
C VAL A 166 -1.65 -16.04 6.11
N VAL A 167 -1.96 -17.10 6.84
CA VAL A 167 -2.51 -16.93 8.19
C VAL A 167 -1.51 -16.11 9.05
N ALA A 168 -0.26 -16.54 9.06
CA ALA A 168 0.77 -15.91 9.91
C ALA A 168 0.90 -14.44 9.53
N SER A 169 0.96 -14.17 8.23
CA SER A 169 1.13 -12.80 7.76
C SER A 169 -0.10 -11.96 8.05
N MET A 170 -1.29 -12.55 7.90
CA MET A 170 -2.56 -11.83 8.22
C MET A 170 -2.70 -11.48 9.71
N ARG A 171 -2.17 -12.33 10.58
CA ARG A 171 -2.14 -12.01 12.00
C ARG A 171 -1.32 -10.74 12.25
N ILE A 172 -0.27 -10.54 11.46
CA ILE A 172 0.59 -9.33 11.58
C ILE A 172 -0.13 -8.14 10.92
N MET A 173 -0.62 -8.35 9.69
CA MET A 173 -1.08 -7.24 8.84
C MET A 173 -2.50 -6.75 9.09
N THR A 174 -3.29 -7.55 9.81
CA THR A 174 -4.63 -7.14 10.19
C THR A 174 -4.81 -7.47 11.69
N ARG A 175 -5.98 -7.13 12.22
CA ARG A 175 -6.43 -7.65 13.54
C ARG A 175 -7.31 -8.86 13.28
N MET A 176 -6.87 -10.01 13.71
CA MET A 176 -7.64 -11.22 13.44
C MET A 176 -7.86 -12.09 14.67
N GLY A 177 -8.92 -12.86 14.61
CA GLY A 177 -9.17 -13.84 15.64
C GLY A 177 -10.57 -13.81 16.19
N THR A 178 -10.72 -14.48 17.32
CA THR A 178 -12.01 -14.61 17.95
C THR A 178 -12.71 -13.30 18.23
N SER A 179 -11.98 -12.31 18.77
CA SER A 179 -12.56 -10.97 19.06
C SER A 179 -13.25 -10.31 17.84
N VAL A 180 -12.70 -10.57 16.66
CA VAL A 180 -13.33 -10.05 15.43
C VAL A 180 -14.66 -10.71 15.18
N LEU A 181 -14.74 -12.05 15.31
CA LEU A 181 -16.02 -12.75 15.15
C LEU A 181 -17.03 -12.22 16.17
N GLU A 182 -16.56 -11.95 17.38
CA GLU A 182 -17.43 -11.37 18.42
C GLU A 182 -17.92 -9.94 18.03
N ALA A 183 -17.00 -9.07 17.65
CA ALA A 183 -17.37 -7.76 17.10
C ALA A 183 -18.34 -7.87 15.91
N LEU A 184 -18.08 -8.78 14.97
CA LEU A 184 -18.90 -8.93 13.76
C LEU A 184 -20.38 -9.26 14.00
N GLY A 185 -20.66 -10.19 14.90
CA GLY A 185 -22.05 -10.64 15.09
C GLY A 185 -22.65 -11.00 13.75
N ASP A 186 -23.85 -10.51 13.50
CA ASP A 186 -24.51 -10.78 12.24
C ASP A 186 -24.35 -9.62 11.23
N GLY A 187 -23.31 -8.79 11.42
CA GLY A 187 -23.05 -7.70 10.49
C GLY A 187 -22.55 -8.16 9.11
N GLU A 188 -22.41 -7.20 8.21
CA GLU A 188 -21.92 -7.47 6.86
C GLU A 188 -20.43 -7.63 6.93
N PHE A 189 -19.88 -8.42 6.00
CA PHE A 189 -18.44 -8.54 5.95
C PHE A 189 -18.02 -8.78 4.50
N ILE A 190 -16.74 -8.55 4.22
CA ILE A 190 -16.24 -8.82 2.87
C ILE A 190 -15.77 -10.28 2.79
N LYS A 191 -16.29 -10.99 1.79
CA LYS A 191 -15.98 -12.42 1.63
C LYS A 191 -14.67 -12.52 0.87
N CYS A 192 -13.63 -13.07 1.52
CA CYS A 192 -12.32 -13.21 0.86
C CYS A 192 -11.90 -14.66 0.67
N LEU A 193 -11.72 -15.10 -0.57
CA LEU A 193 -11.50 -16.52 -0.80
C LEU A 193 -10.16 -16.63 -1.49
N HIS A 194 -9.24 -17.41 -0.90
CA HIS A 194 -7.90 -17.63 -1.45
C HIS A 194 -7.48 -19.07 -1.55
N SER A 195 -6.86 -19.47 -2.67
CA SER A 195 -6.17 -20.76 -2.70
C SER A 195 -4.88 -20.65 -3.47
N VAL A 196 -3.86 -21.37 -3.00
CA VAL A 196 -2.59 -21.47 -3.73
C VAL A 196 -2.75 -22.30 -5.02
N GLY A 197 -3.87 -23.02 -5.09
CA GLY A 197 -4.25 -23.77 -6.30
C GLY A 197 -3.38 -24.98 -6.62
N CYS A 198 -3.01 -25.71 -5.59
CA CYS A 198 -2.19 -26.93 -5.75
C CYS A 198 -2.78 -28.04 -4.86
N PRO A 199 -3.98 -28.54 -5.22
CA PRO A 199 -4.53 -29.64 -4.44
C PRO A 199 -3.62 -30.85 -4.46
N LEU A 200 -3.66 -31.59 -3.36
CA LEU A 200 -2.93 -32.87 -3.26
C LEU A 200 -3.77 -33.98 -3.81
N PRO A 201 -3.13 -34.97 -4.49
CA PRO A 201 -1.70 -35.07 -4.71
C PRO A 201 -1.25 -34.06 -5.75
N LEU A 202 -0.05 -33.50 -5.59
CA LEU A 202 0.46 -32.47 -6.50
C LEU A 202 0.56 -32.97 -7.93
N LYS A 203 0.04 -32.16 -8.85
CA LYS A 203 0.10 -32.44 -10.28
C LYS A 203 1.40 -31.96 -10.89
N LYS A 204 2.05 -31.02 -10.23
CA LYS A 204 3.32 -30.49 -10.74
C LYS A 204 4.31 -30.35 -9.59
N PRO A 205 5.60 -30.34 -9.92
CA PRO A 205 6.58 -30.34 -8.83
C PRO A 205 6.50 -29.06 -8.00
N LEU A 206 6.63 -29.21 -6.69
CA LEU A 206 6.68 -28.07 -5.82
C LEU A 206 8.09 -27.51 -5.93
N VAL A 207 8.21 -26.18 -6.05
CA VAL A 207 9.49 -25.50 -6.10
C VAL A 207 9.70 -24.71 -4.80
N ASN A 208 10.89 -24.90 -4.21
CA ASN A 208 11.28 -24.28 -2.94
C ASN A 208 10.25 -24.35 -1.83
N ASN A 209 9.55 -25.48 -1.72
CA ASN A 209 8.52 -25.66 -0.68
C ASN A 209 7.48 -24.55 -0.72
N TRP A 210 7.23 -24.03 -1.92
CA TRP A 210 6.38 -22.83 -2.07
C TRP A 210 5.25 -23.12 -3.02
N ALA A 211 4.10 -23.54 -2.47
CA ALA A 211 2.92 -23.85 -3.31
C ALA A 211 2.36 -22.63 -4.09
N CYS A 212 2.21 -22.78 -5.40
CA CYS A 212 1.60 -21.78 -6.27
C CYS A 212 1.22 -22.40 -7.61
N ASN A 213 0.42 -21.64 -8.34
CA ASN A 213 -0.02 -22.06 -9.67
C ASN A 213 0.04 -20.86 -10.64
N PRO A 214 1.25 -20.52 -11.10
CA PRO A 214 1.44 -19.30 -11.86
C PRO A 214 0.55 -19.23 -13.10
N GLU A 215 0.36 -20.37 -13.79
CA GLU A 215 -0.38 -20.36 -15.05
C GLU A 215 -1.83 -19.99 -14.86
N LEU A 216 -2.37 -20.31 -13.69
CA LEU A 216 -3.78 -20.07 -13.39
C LEU A 216 -3.99 -18.91 -12.37
N THR A 217 -2.93 -18.16 -12.11
CA THR A 217 -3.02 -17.02 -11.17
C THR A 217 -4.03 -15.98 -11.62
N LEU A 218 -4.95 -15.66 -10.70
CA LEU A 218 -6.02 -14.73 -11.00
C LEU A 218 -6.51 -14.11 -9.70
N ILE A 219 -6.43 -12.79 -9.62
CA ILE A 219 -6.86 -12.07 -8.40
C ILE A 219 -8.10 -11.23 -8.79
N ALA A 220 -9.30 -11.67 -8.39
CA ALA A 220 -10.52 -10.99 -8.83
C ALA A 220 -11.29 -10.29 -7.70
N HIS A 221 -12.00 -9.23 -8.05
CA HIS A 221 -12.76 -8.40 -7.11
C HIS A 221 -14.12 -8.23 -7.71
N LEU A 222 -15.14 -8.40 -6.88
CA LEU A 222 -16.52 -8.34 -7.37
C LEU A 222 -17.21 -7.43 -6.33
N PRO A 223 -17.07 -6.12 -6.52
CA PRO A 223 -17.51 -5.15 -5.52
C PRO A 223 -19.04 -5.27 -5.26
N ASP A 224 -19.81 -5.58 -6.31
CA ASP A 224 -21.27 -5.69 -6.18
C ASP A 224 -21.71 -6.89 -5.37
N ARG A 225 -20.83 -7.89 -5.23
CA ARG A 225 -21.08 -9.06 -4.38
C ARG A 225 -20.29 -9.02 -3.07
N ARG A 226 -19.50 -7.96 -2.87
CA ARG A 226 -18.61 -7.83 -1.72
C ARG A 226 -17.69 -9.05 -1.61
N GLU A 227 -17.14 -9.49 -2.75
CA GLU A 227 -16.27 -10.63 -2.77
C GLU A 227 -14.89 -10.28 -3.35
N ILE A 228 -13.88 -10.89 -2.78
CA ILE A 228 -12.53 -10.99 -3.34
C ILE A 228 -12.19 -12.45 -3.50
N ILE A 229 -11.70 -12.81 -4.70
CA ILE A 229 -11.46 -14.21 -5.00
C ILE A 229 -10.13 -14.32 -5.70
N SER A 230 -9.21 -15.00 -5.04
CA SER A 230 -7.82 -15.03 -5.51
C SER A 230 -7.28 -16.43 -5.55
N PHE A 231 -6.64 -16.79 -6.68
CA PHE A 231 -6.20 -18.15 -6.97
C PHE A 231 -4.76 -18.15 -7.51
N GLY A 232 -3.93 -19.04 -6.97
CA GLY A 232 -2.65 -19.45 -7.62
C GLY A 232 -1.39 -18.75 -7.16
N SER A 233 -1.51 -17.64 -6.42
CA SER A 233 -0.34 -16.98 -5.88
C SER A 233 -0.41 -17.04 -4.37
N GLY A 234 0.70 -17.39 -3.74
CA GLY A 234 0.74 -17.24 -2.32
C GLY A 234 1.35 -15.96 -1.77
N TYR A 235 1.55 -14.97 -2.66
CA TYR A 235 2.44 -13.83 -2.35
C TYR A 235 1.69 -12.53 -2.03
N GLY A 236 2.09 -11.91 -0.93
CA GLY A 236 1.81 -10.50 -0.64
C GLY A 236 0.46 -9.94 -1.08
N GLY A 237 0.48 -8.98 -1.99
CA GLY A 237 -0.78 -8.33 -2.41
C GLY A 237 -1.77 -9.26 -3.14
N ASN A 238 -1.31 -10.40 -3.63
CA ASN A 238 -2.22 -11.40 -4.17
C ASN A 238 -2.92 -12.28 -3.16
N SER A 239 -2.30 -12.48 -1.99
CA SER A 239 -2.76 -13.53 -1.08
C SER A 239 -3.22 -12.98 0.27
N LEU A 240 -2.62 -11.89 0.71
CA LEU A 240 -3.03 -11.21 1.97
C LEU A 240 -4.11 -10.27 1.52
N LEU A 241 -5.36 -10.71 1.62
CA LEU A 241 -6.43 -10.02 0.89
C LEU A 241 -6.87 -8.66 1.47
N GLY A 242 -6.40 -8.36 2.68
N GLY A 242 -6.46 -8.40 2.70
CA GLY A 242 -6.43 -6.97 3.12
CA GLY A 242 -6.83 -7.16 3.36
C GLY A 242 -5.19 -6.41 2.45
C GLY A 242 -6.02 -6.03 2.73
N LYS A 243 -5.06 -5.12 2.34
N LYS A 243 -4.76 -6.32 2.43
CA LYS A 243 -3.68 -4.76 2.02
CA LYS A 243 -3.77 -5.36 1.95
C LYS A 243 -3.66 -4.12 0.70
C LYS A 243 -4.43 -4.50 0.86
N LYS A 244 -4.13 -4.80 -0.38
CA LYS A 244 -4.53 -4.03 -1.58
C LYS A 244 -5.95 -4.37 -2.04
N CYS A 245 -6.31 -5.67 -2.07
CA CYS A 245 -7.61 -6.06 -2.60
C CYS A 245 -8.77 -5.46 -1.85
N PHE A 246 -8.76 -5.61 -0.52
CA PHE A 246 -9.83 -5.06 0.34
C PHE A 246 -9.53 -3.58 0.61
N ALA A 247 -8.37 -3.25 1.14
CA ALA A 247 -8.19 -1.88 1.66
C ALA A 247 -8.11 -0.79 0.61
N LEU A 248 -7.75 -1.12 -0.64
CA LEU A 248 -7.85 -0.17 -1.74
C LEU A 248 -8.93 -0.48 -2.75
N ARG A 249 -8.97 -1.68 -3.30
CA ARG A 249 -9.91 -1.90 -4.42
C ARG A 249 -11.38 -1.95 -4.01
N ILE A 250 -11.73 -2.84 -3.09
CA ILE A 250 -13.11 -2.94 -2.62
C ILE A 250 -13.42 -1.67 -1.84
N ALA A 251 -12.50 -1.29 -0.97
CA ALA A 251 -12.74 -0.13 -0.08
C ALA A 251 -12.95 1.17 -0.85
N SER A 252 -12.23 1.40 -1.97
CA SER A 252 -12.47 2.66 -2.71
C SER A 252 -13.89 2.67 -3.26
N ARG A 253 -14.43 1.51 -3.65
CA ARG A 253 -15.79 1.46 -4.20
C ARG A 253 -16.80 1.71 -3.07
N LEU A 254 -16.59 1.11 -1.90
CA LEU A 254 -17.47 1.38 -0.74
C LEU A 254 -17.41 2.85 -0.42
N ALA A 255 -16.20 3.40 -0.42
CA ALA A 255 -15.97 4.81 -0.09
C ALA A 255 -16.73 5.76 -0.99
N LYS A 256 -16.72 5.47 -2.30
CA LYS A 256 -17.48 6.22 -3.28
C LYS A 256 -18.97 6.16 -2.96
N GLU A 257 -19.47 4.95 -2.66
CA GLU A 257 -20.90 4.70 -2.30
C GLU A 257 -21.30 5.47 -1.04
N GLU A 258 -20.39 5.58 -0.08
CA GLU A 258 -20.73 5.94 1.30
C GLU A 258 -20.24 7.33 1.69
N GLY A 259 -19.44 7.94 0.82
CA GLY A 259 -18.98 9.32 1.01
C GLY A 259 -17.65 9.52 1.71
N TRP A 260 -16.79 8.51 1.69
CA TRP A 260 -15.45 8.67 2.27
C TRP A 260 -14.36 8.38 1.23
N LEU A 261 -13.11 8.20 1.70
CA LEU A 261 -11.94 7.99 0.82
C LEU A 261 -11.06 6.81 1.28
N ALA A 262 -10.62 5.96 0.34
CA ALA A 262 -9.76 4.86 0.70
C ALA A 262 -8.57 5.03 -0.23
N GLU A 263 -7.41 5.26 0.36
CA GLU A 263 -6.29 5.83 -0.41
C GLU A 263 -4.95 5.16 -0.10
N HIS A 264 -4.04 5.25 -1.06
CA HIS A 264 -2.68 4.73 -0.94
C HIS A 264 -1.82 5.81 -0.31
N MET A 265 -2.06 6.09 0.98
CA MET A 265 -1.36 7.19 1.67
C MET A 265 -0.78 6.77 3.03
N LEU A 266 0.42 7.26 3.32
CA LEU A 266 0.97 7.14 4.68
C LEU A 266 0.19 8.15 5.51
N ILE A 267 0.26 8.02 6.84
CA ILE A 267 -0.37 9.00 7.72
C ILE A 267 0.67 9.21 8.81
N LEU A 268 1.02 10.48 9.08
CA LEU A 268 2.05 10.78 10.08
C LEU A 268 1.56 11.94 10.91
N GLY A 269 2.09 12.02 12.13
CA GLY A 269 1.80 13.14 13.03
C GLY A 269 3.11 13.83 13.23
N ILE A 270 3.13 15.16 13.07
CA ILE A 270 4.36 15.92 13.20
C ILE A 270 4.16 17.01 14.24
N THR A 271 5.12 17.08 15.14
CA THR A 271 5.05 18.07 16.21
C THR A 271 6.20 19.03 16.05
N ASN A 272 5.89 20.33 16.12
CA ASN A 272 6.91 21.38 15.97
C ASN A 272 7.50 21.71 17.35
N PRO A 273 8.55 22.56 17.40
CA PRO A 273 9.21 22.84 18.70
C PRO A 273 8.29 23.50 19.71
N GLU A 274 7.24 24.13 19.23
CA GLU A 274 6.29 24.81 20.09
CA GLU A 274 6.30 24.81 20.11
C GLU A 274 5.33 23.80 20.71
N GLY A 275 5.54 22.53 20.39
CA GLY A 275 4.70 21.44 20.89
C GLY A 275 3.37 21.29 20.19
N LYS A 276 3.19 21.92 19.03
CA LYS A 276 1.91 21.87 18.31
C LYS A 276 1.99 20.74 17.30
N LYS A 277 0.92 19.96 17.18
CA LYS A 277 0.97 18.73 16.37
C LYS A 277 -0.07 18.79 15.27
N LYS A 278 0.29 18.30 14.08
CA LYS A 278 -0.68 18.16 13.00
C LYS A 278 -0.44 16.82 12.33
N TYR A 279 -1.50 16.25 11.76
CA TYR A 279 -1.36 15.03 10.97
C TYR A 279 -1.37 15.37 9.46
N LEU A 280 -0.56 14.63 8.70
CA LEU A 280 -0.46 14.81 7.24
C LEU A 280 -0.66 13.41 6.65
N ALA A 281 -1.23 13.36 5.44
CA ALA A 281 -1.27 12.10 4.69
C ALA A 281 -0.46 12.32 3.38
N ALA A 282 0.16 11.28 2.83
CA ALA A 282 0.95 11.50 1.61
C ALA A 282 0.80 10.28 0.71
N ALA A 283 0.56 10.53 -0.58
CA ALA A 283 0.45 9.44 -1.57
C ALA A 283 1.63 9.47 -2.52
N PHE A 284 2.51 8.47 -2.38
CA PHE A 284 3.61 8.23 -3.27
C PHE A 284 3.51 6.77 -3.74
N PRO A 285 3.88 6.53 -4.99
CA PRO A 285 3.96 5.15 -5.48
C PRO A 285 5.05 4.33 -4.77
N SER A 286 4.92 3.00 -4.83
CA SER A 286 6.01 2.11 -4.40
C SER A 286 7.37 2.68 -4.82
N ALA A 287 8.30 2.57 -3.88
CA ALA A 287 9.73 2.91 -4.04
C ALA A 287 9.96 4.42 -4.10
N CYS A 288 8.96 5.21 -3.71
CA CYS A 288 9.07 6.66 -3.74
C CYS A 288 9.11 7.30 -2.36
N GLY A 289 9.06 6.47 -1.32
CA GLY A 289 9.45 6.92 0.01
C GLY A 289 8.43 7.01 1.11
N LYS A 290 7.29 6.33 0.97
CA LYS A 290 6.29 6.40 2.06
C LYS A 290 6.84 5.91 3.39
N THR A 291 7.44 4.70 3.42
CA THR A 291 7.99 4.19 4.69
C THR A 291 8.97 5.18 5.30
N ASN A 292 9.91 5.70 4.49
CA ASN A 292 10.89 6.69 5.00
C ASN A 292 10.30 7.94 5.60
N LEU A 293 9.23 8.44 4.99
CA LEU A 293 8.64 9.65 5.47
C LEU A 293 7.80 9.39 6.71
N ALA A 294 7.03 8.29 6.72
CA ALA A 294 6.15 7.98 7.85
C ALA A 294 6.95 7.68 9.12
N MET A 295 8.19 7.24 8.93
CA MET A 295 9.06 6.87 10.06
C MET A 295 10.27 7.79 10.20
N MET A 296 10.19 8.94 9.57
CA MET A 296 11.32 9.84 9.52
C MET A 296 11.85 10.16 10.91
N ASN A 297 13.16 10.17 10.98
CA ASN A 297 13.94 10.78 12.04
C ASN A 297 14.33 12.22 11.63
N PRO A 298 13.56 13.24 12.05
CA PRO A 298 13.80 14.60 11.54
C PRO A 298 15.15 15.14 11.99
N THR A 299 15.86 15.78 11.07
CA THR A 299 17.15 16.41 11.40
C THR A 299 16.98 17.75 12.15
N LEU A 300 15.87 18.44 11.92
CA LEU A 300 15.63 19.73 12.61
C LEU A 300 15.43 19.58 14.12
N PRO A 301 16.25 20.29 14.93
CA PRO A 301 16.11 20.13 16.38
C PRO A 301 14.73 20.51 16.82
N GLY A 302 14.18 19.77 17.78
CA GLY A 302 12.90 20.08 18.37
C GLY A 302 11.66 19.65 17.58
N TRP A 303 11.87 19.05 16.41
CA TRP A 303 10.75 18.49 15.63
C TRP A 303 10.63 17.03 15.93
N LYS A 304 9.42 16.48 15.84
CA LYS A 304 9.18 15.07 16.12
C LYS A 304 8.22 14.52 15.05
N VAL A 305 8.52 13.35 14.49
CA VAL A 305 7.58 12.69 13.56
C VAL A 305 7.11 11.36 14.17
N GLU A 306 5.82 11.08 14.12
CA GLU A 306 5.30 9.82 14.61
C GLU A 306 4.46 9.16 13.52
N CYS A 307 4.50 7.82 13.49
CA CYS A 307 3.90 7.07 12.41
C CYS A 307 2.50 6.56 12.77
N VAL A 308 1.51 6.88 11.94
CA VAL A 308 0.19 6.25 12.08
C VAL A 308 0.12 5.05 11.11
N GLY A 309 0.57 5.28 9.89
CA GLY A 309 0.59 4.20 8.88
C GLY A 309 1.54 4.56 7.76
N ASP A 310 1.97 3.57 6.98
CA ASP A 310 2.87 3.87 5.86
C ASP A 310 2.32 3.47 4.49
N ASP A 311 1.03 3.12 4.40
CA ASP A 311 0.56 2.60 3.09
C ASP A 311 -0.86 2.87 2.74
N ILE A 312 -1.79 2.62 3.66
CA ILE A 312 -3.21 2.77 3.40
CA ILE A 312 -3.20 2.81 3.38
C ILE A 312 -3.84 3.77 4.39
N ALA A 313 -4.68 4.65 3.87
CA ALA A 313 -5.46 5.59 4.70
C ALA A 313 -6.91 5.49 4.35
N TRP A 314 -7.76 5.35 5.38
CA TRP A 314 -9.19 5.45 5.18
C TRP A 314 -9.62 6.73 5.84
N MET A 315 -10.27 7.60 5.08
CA MET A 315 -10.52 8.97 5.58
C MET A 315 -11.97 9.40 5.42
N LYS A 316 -12.51 10.06 6.45
CA LYS A 316 -13.91 10.41 6.43
C LYS A 316 -14.07 11.68 7.25
N PHE A 317 -14.80 12.63 6.68
CA PHE A 317 -15.08 13.90 7.35
C PHE A 317 -15.98 13.62 8.55
N ASP A 318 -15.66 14.20 9.70
CA ASP A 318 -16.50 14.01 10.90
C ASP A 318 -17.60 15.06 10.98
N ALA A 319 -18.33 15.04 12.09
CA ALA A 319 -19.41 15.99 12.31
C ALA A 319 -18.92 17.45 12.33
N GLN A 320 -17.69 17.66 12.79
CA GLN A 320 -17.09 19.00 12.86
C GLN A 320 -16.38 19.41 11.57
N GLY A 321 -16.44 18.55 10.56
CA GLY A 321 -15.81 18.80 9.26
C GLY A 321 -14.33 18.47 9.17
N ASN A 322 -13.76 17.88 10.22
CA ASN A 322 -12.35 17.43 10.20
C ASN A 322 -12.26 16.19 9.32
N LEU A 323 -11.23 16.11 8.47
CA LEU A 323 -11.01 14.88 7.70
C LEU A 323 -10.24 13.88 8.58
N ARG A 324 -10.97 12.88 9.06
CA ARG A 324 -10.44 11.92 9.99
C ARG A 324 -9.89 10.72 9.25
N ALA A 325 -8.64 10.38 9.55
CA ALA A 325 -8.01 9.21 8.91
C ALA A 325 -7.69 8.10 9.89
N ILE A 326 -7.93 6.85 9.48
CA ILE A 326 -7.30 5.70 10.15
C ILE A 326 -6.37 4.93 9.22
N ASN A 327 -5.42 4.23 9.84
CA ASN A 327 -4.64 3.19 9.17
C ASN A 327 -5.44 1.91 9.37
N PRO A 328 -5.99 1.32 8.28
CA PRO A 328 -6.78 0.09 8.44
C PRO A 328 -5.90 -1.15 8.59
N GLU A 329 -4.59 -1.01 8.54
CA GLU A 329 -3.69 -2.15 8.73
C GLU A 329 -3.14 -2.22 10.16
N ASN A 330 -2.50 -3.35 10.47
CA ASN A 330 -2.00 -3.64 11.81
C ASN A 330 -0.51 -3.86 11.76
N GLY A 331 0.08 -3.72 10.57
CA GLY A 331 1.47 -4.00 10.38
C GLY A 331 2.01 -3.32 9.15
N PHE A 332 3.32 -3.45 8.95
CA PHE A 332 4.01 -2.94 7.79
C PHE A 332 4.47 -4.11 6.93
N PHE A 333 4.09 -4.07 5.64
CA PHE A 333 4.56 -5.06 4.67
C PHE A 333 5.50 -4.35 3.72
N GLY A 334 6.72 -4.07 4.20
CA GLY A 334 7.62 -3.15 3.48
C GLY A 334 8.60 -3.84 2.56
N VAL A 335 8.94 -3.21 1.44
CA VAL A 335 10.00 -3.69 0.55
C VAL A 335 11.30 -3.58 1.36
N ALA A 336 12.06 -4.67 1.43
CA ALA A 336 13.25 -4.68 2.29
C ALA A 336 14.48 -3.99 1.68
N PRO A 337 14.81 -4.32 0.41
CA PRO A 337 15.99 -3.68 -0.15
C PRO A 337 15.93 -2.14 -0.06
N GLY A 338 17.08 -1.53 0.23
CA GLY A 338 17.15 -0.08 0.31
C GLY A 338 16.87 0.43 1.69
N THR A 339 16.44 -0.48 2.58
CA THR A 339 16.20 -0.12 3.96
C THR A 339 17.50 -0.20 4.74
N SER A 340 17.95 0.94 5.26
CA SER A 340 19.26 0.95 5.89
C SER A 340 19.19 1.64 7.21
N VAL A 341 20.18 1.35 8.05
CA VAL A 341 20.29 1.99 9.37
C VAL A 341 20.49 3.50 9.21
N LYS A 342 21.28 3.89 8.20
CA LYS A 342 21.57 5.28 7.93
C LYS A 342 20.35 6.02 7.41
N THR A 343 19.63 5.41 6.47
CA THR A 343 18.50 6.06 5.79
C THR A 343 17.20 5.93 6.57
N ASN A 344 17.01 4.80 7.24
CA ASN A 344 15.74 4.53 7.92
C ASN A 344 15.93 3.72 9.24
N PRO A 345 16.57 4.36 10.25
CA PRO A 345 16.77 3.69 11.53
C PRO A 345 15.50 3.20 12.22
N ASN A 346 14.41 3.97 12.15
CA ASN A 346 13.17 3.53 12.79
C ASN A 346 12.59 2.23 12.23
N ALA A 347 12.76 2.00 10.92
CA ALA A 347 12.25 0.75 10.32
C ALA A 347 13.17 -0.39 10.75
N ILE A 348 14.48 -0.13 10.73
CA ILE A 348 15.44 -1.11 11.24
C ILE A 348 15.09 -1.56 12.65
N LYS A 349 14.76 -0.63 13.55
CA LYS A 349 14.37 -1.04 14.91
C LYS A 349 13.07 -1.85 14.92
N THR A 350 12.11 -1.48 14.06
CA THR A 350 10.81 -2.11 14.06
C THR A 350 10.92 -3.61 13.73
N ILE A 351 11.82 -3.95 12.80
CA ILE A 351 11.87 -5.30 12.22
C ILE A 351 12.83 -6.27 12.94
N GLN A 352 13.37 -5.87 14.10
CA GLN A 352 14.39 -6.72 14.73
C GLN A 352 13.80 -7.89 15.50
N LYS A 353 12.49 -7.88 15.71
CA LYS A 353 11.82 -8.98 16.37
C LYS A 353 10.48 -9.27 15.71
N ASN A 354 9.98 -10.48 15.93
CA ASN A 354 8.59 -10.87 15.53
C ASN A 354 8.23 -10.54 14.09
N THR A 355 9.19 -10.71 13.22
CA THR A 355 9.04 -10.30 11.82
C THR A 355 9.20 -11.49 10.89
N ILE A 356 8.38 -11.53 9.85
CA ILE A 356 8.55 -12.49 8.80
C ILE A 356 9.15 -11.82 7.59
N PHE A 357 10.26 -12.37 7.11
CA PHE A 357 10.95 -11.86 5.92
C PHE A 357 10.68 -12.79 4.79
N THR A 358 10.52 -12.25 3.57
CA THR A 358 10.32 -13.08 2.39
C THR A 358 11.30 -12.65 1.32
N ASN A 359 12.11 -13.62 0.85
CA ASN A 359 13.00 -13.46 -0.31
C ASN A 359 14.17 -12.50 -0.09
N VAL A 360 14.51 -12.31 1.17
CA VAL A 360 15.77 -11.62 1.50
C VAL A 360 16.90 -12.66 1.62
N ALA A 361 18.13 -12.16 1.72
CA ALA A 361 19.32 -12.98 1.98
C ALA A 361 19.51 -13.26 3.45
N GLU A 362 20.23 -14.34 3.77
CA GLU A 362 20.50 -14.73 5.16
C GLU A 362 22.01 -14.74 5.40
N THR A 363 22.47 -14.13 6.48
CA THR A 363 23.91 -14.22 6.80
C THR A 363 24.18 -15.51 7.58
N SER A 364 25.44 -15.95 7.61
CA SER A 364 25.81 -17.23 8.20
C SER A 364 25.64 -17.25 9.72
N ASP A 365 25.42 -16.09 10.32
CA ASP A 365 25.09 -16.05 11.73
C ASP A 365 23.59 -15.93 11.93
N GLY A 366 22.84 -16.23 10.87
CA GLY A 366 21.37 -16.28 10.93
C GLY A 366 20.67 -14.93 10.92
N GLY A 367 21.27 -13.95 10.24
CA GLY A 367 20.68 -12.62 10.13
C GLY A 367 20.16 -12.33 8.74
N VAL A 368 19.55 -11.16 8.57
CA VAL A 368 19.02 -10.76 7.25
C VAL A 368 19.97 -9.85 6.50
N TYR A 369 19.93 -9.93 5.17
CA TYR A 369 20.70 -9.04 4.32
C TYR A 369 19.97 -8.67 3.03
N TRP A 370 20.33 -7.52 2.47
CA TRP A 370 19.75 -7.07 1.22
C TRP A 370 20.51 -5.91 0.64
N GLU A 371 20.38 -5.71 -0.68
CA GLU A 371 20.91 -4.53 -1.34
C GLU A 371 20.53 -3.24 -0.58
N GLY A 372 21.53 -2.37 -0.42
CA GLY A 372 21.33 -1.08 0.22
C GLY A 372 21.09 -1.11 1.71
N ILE A 373 21.43 -2.24 2.35
CA ILE A 373 21.31 -2.31 3.80
C ILE A 373 22.38 -1.44 4.49
N ASP A 374 23.48 -1.18 3.77
CA ASP A 374 24.63 -0.38 4.25
C ASP A 374 25.01 -0.73 5.70
N GLU A 375 25.22 -2.02 5.90
CA GLU A 375 25.76 -2.55 7.13
C GLU A 375 26.87 -3.50 6.71
N PRO A 376 28.13 -3.09 6.92
CA PRO A 376 29.23 -4.01 6.61
C PRO A 376 29.18 -5.20 7.56
N LEU A 377 29.60 -6.36 7.07
CA LEU A 377 29.61 -7.57 7.87
C LEU A 377 31.03 -7.87 8.34
N ALA A 378 31.14 -8.47 9.52
CA ALA A 378 32.44 -8.89 10.07
C ALA A 378 33.18 -9.80 9.09
N PRO A 379 34.52 -9.68 9.03
CA PRO A 379 35.33 -10.63 8.26
C PRO A 379 34.86 -12.07 8.51
N GLY A 380 34.72 -12.88 7.46
CA GLY A 380 34.33 -14.28 7.63
C GLY A 380 32.84 -14.60 7.50
N VAL A 381 31.98 -13.60 7.75
CA VAL A 381 30.53 -13.78 7.64
C VAL A 381 30.17 -13.86 6.15
N THR A 382 29.37 -14.88 5.81
CA THR A 382 29.01 -15.14 4.44
C THR A 382 27.49 -15.00 4.24
N ILE A 383 27.11 -14.92 2.99
CA ILE A 383 25.69 -14.62 2.63
C ILE A 383 25.07 -15.75 1.81
N THR A 384 23.87 -16.18 2.20
CA THR A 384 23.06 -17.01 1.33
C THR A 384 21.94 -16.14 0.75
N SER A 385 21.86 -16.18 -0.56
CA SER A 385 20.90 -15.37 -1.30
C SER A 385 19.50 -15.94 -1.16
N TRP A 386 18.53 -15.16 -1.66
CA TRP A 386 17.13 -15.57 -1.62
C TRP A 386 16.83 -16.77 -2.49
N LYS A 387 17.77 -17.13 -3.36
CA LYS A 387 17.65 -18.31 -4.19
C LYS A 387 18.39 -19.50 -3.54
N ASN A 388 18.73 -19.37 -2.27
CA ASN A 388 19.42 -20.42 -1.52
C ASN A 388 20.79 -20.84 -2.09
N LYS A 389 21.56 -19.86 -2.58
CA LYS A 389 22.91 -20.09 -3.11
C LYS A 389 23.89 -19.23 -2.33
N GLU A 390 25.15 -19.63 -2.31
CA GLU A 390 26.19 -18.76 -1.75
C GLU A 390 26.31 -17.58 -2.67
N TRP A 391 26.60 -16.41 -2.10
CA TRP A 391 26.58 -15.17 -2.83
C TRP A 391 27.66 -14.25 -2.32
N ARG A 392 28.29 -13.53 -3.24
CA ARG A 392 29.33 -12.56 -2.89
C ARG A 392 29.05 -11.20 -3.53
N PRO A 393 29.43 -10.10 -2.85
CA PRO A 393 29.10 -8.75 -3.36
C PRO A 393 29.56 -8.45 -4.79
N GLN A 394 30.47 -9.26 -5.33
CA GLN A 394 30.92 -9.12 -6.73
C GLN A 394 29.84 -9.53 -7.72
N ASP A 395 28.95 -10.42 -7.29
CA ASP A 395 28.04 -11.16 -8.18
C ASP A 395 27.13 -10.28 -9.05
N GLU A 396 26.74 -10.85 -10.19
CA GLU A 396 25.89 -10.21 -11.18
C GLU A 396 24.48 -9.94 -10.62
N GLU A 397 23.99 -10.86 -9.79
CA GLU A 397 22.61 -10.82 -9.29
C GLU A 397 22.49 -10.30 -7.86
N PRO A 398 21.32 -9.74 -7.51
CA PRO A 398 21.16 -9.27 -6.14
C PRO A 398 21.04 -10.44 -5.17
N CYS A 399 21.46 -10.23 -3.93
CA CYS A 399 21.33 -11.24 -2.92
C CYS A 399 19.86 -11.41 -2.48
N ALA A 400 19.09 -10.33 -2.55
CA ALA A 400 17.67 -10.36 -2.17
C ALA A 400 16.81 -10.00 -3.37
N HIS A 401 15.64 -10.63 -3.51
CA HIS A 401 14.77 -10.26 -4.63
C HIS A 401 14.42 -8.79 -4.51
N PRO A 402 14.35 -8.04 -5.64
CA PRO A 402 14.04 -6.61 -5.50
C PRO A 402 12.71 -6.26 -4.80
N ASN A 403 11.78 -7.20 -4.82
CA ASN A 403 10.46 -7.02 -4.22
C ASN A 403 10.33 -7.78 -2.91
N SER A 404 11.47 -8.15 -2.31
CA SER A 404 11.42 -8.92 -1.08
C SER A 404 10.91 -8.05 0.05
N ARG A 405 10.45 -8.68 1.13
CA ARG A 405 9.67 -7.97 2.14
C ARG A 405 10.03 -8.29 3.56
N PHE A 406 9.71 -7.35 4.43
CA PHE A 406 9.51 -7.62 5.85
C PHE A 406 8.04 -7.44 6.14
N CYS A 407 7.54 -8.24 7.07
CA CYS A 407 6.15 -8.21 7.50
C CYS A 407 6.23 -8.10 9.02
N THR A 408 5.94 -6.91 9.55
CA THR A 408 6.27 -6.57 10.94
CA THR A 408 6.26 -6.57 10.94
C THR A 408 5.08 -5.92 11.65
N PRO A 409 4.87 -6.25 12.94
CA PRO A 409 3.77 -5.61 13.65
C PRO A 409 4.00 -4.10 13.77
N ALA A 410 2.94 -3.32 13.52
CA ALA A 410 3.05 -1.85 13.50
C ALA A 410 3.43 -1.35 14.90
N SER A 411 2.89 -1.98 15.93
CA SER A 411 3.14 -1.54 17.31
C SER A 411 4.63 -1.50 17.69
N GLN A 412 5.51 -2.15 16.91
CA GLN A 412 6.94 -2.19 17.23
C GLN A 412 7.73 -1.01 16.69
N CYS A 413 7.08 -0.14 15.93
CA CYS A 413 7.76 1.04 15.43
C CYS A 413 8.08 1.91 16.64
N PRO A 414 9.37 2.27 16.84
CA PRO A 414 9.76 3.04 18.02
C PRO A 414 9.00 4.39 18.10
N ILE A 415 8.61 4.92 16.94
CA ILE A 415 7.86 6.18 16.88
C ILE A 415 6.39 6.04 16.45
N ILE A 416 5.79 4.88 16.70
CA ILE A 416 4.38 4.72 16.41
C ILE A 416 3.60 5.79 17.15
N ASP A 417 2.64 6.44 16.48
CA ASP A 417 1.86 7.54 17.08
C ASP A 417 0.95 6.98 18.19
N PRO A 418 0.74 7.75 19.29
CA PRO A 418 -0.16 7.23 20.33
C PRO A 418 -1.56 7.07 19.85
N ALA A 419 -1.96 7.78 18.78
CA ALA A 419 -3.30 7.73 18.30
C ALA A 419 -3.38 6.79 17.08
N TRP A 420 -2.34 6.04 16.80
CA TRP A 420 -2.36 5.15 15.61
C TRP A 420 -3.52 4.17 15.59
N GLU A 421 -4.07 3.80 16.76
CA GLU A 421 -5.29 2.97 16.79
C GLU A 421 -6.51 3.66 17.33
N SER A 422 -6.47 4.98 17.49
CA SER A 422 -7.67 5.70 17.91
CA SER A 422 -7.66 5.70 17.92
C SER A 422 -8.82 5.47 16.92
N PRO A 423 -9.97 5.03 17.44
CA PRO A 423 -11.07 4.58 16.58
C PRO A 423 -11.73 5.68 15.75
N GLU A 424 -11.65 6.92 16.21
CA GLU A 424 -12.27 8.02 15.49
C GLU A 424 -11.32 8.60 14.41
N GLY A 425 -10.06 8.17 14.41
CA GLY A 425 -9.11 8.63 13.40
C GLY A 425 -8.45 9.95 13.81
N VAL A 426 -7.40 10.32 13.08
CA VAL A 426 -6.63 11.54 13.31
C VAL A 426 -7.03 12.60 12.29
N PRO A 427 -7.09 13.88 12.71
CA PRO A 427 -7.55 14.93 11.83
C PRO A 427 -6.44 15.35 10.85
N ILE A 428 -6.69 15.15 9.56
CA ILE A 428 -5.67 15.42 8.52
C ILE A 428 -5.75 16.88 8.10
N GLU A 429 -4.61 17.57 8.17
CA GLU A 429 -4.57 19.00 7.80
C GLU A 429 -3.83 19.28 6.49
N GLY A 430 -3.14 18.28 5.96
CA GLY A 430 -2.42 18.44 4.68
C GLY A 430 -2.37 17.09 3.97
N ILE A 431 -2.50 17.10 2.64
CA ILE A 431 -2.35 15.90 1.83
C ILE A 431 -1.19 16.19 0.89
N ILE A 432 -0.26 15.25 0.79
CA ILE A 432 0.98 15.45 -0.02
C ILE A 432 0.98 14.41 -1.15
N PHE A 433 1.24 14.89 -2.37
CA PHE A 433 1.44 14.02 -3.52
C PHE A 433 2.88 14.08 -3.94
N GLY A 434 3.38 12.99 -4.51
CA GLY A 434 4.76 13.02 -4.99
C GLY A 434 5.22 11.74 -5.64
N GLY A 435 6.26 11.86 -6.46
CA GLY A 435 6.92 10.68 -7.01
C GLY A 435 8.32 11.00 -7.46
N ARG A 436 8.88 10.17 -8.33
CA ARG A 436 10.28 10.34 -8.74
C ARG A 436 10.27 11.14 -10.05
N ARG A 437 10.74 12.37 -10.01
CA ARG A 437 10.87 13.19 -11.21
C ARG A 437 12.28 13.75 -11.28
N PRO A 438 13.14 13.19 -12.16
CA PRO A 438 14.53 13.64 -12.17
C PRO A 438 14.72 15.06 -12.70
N ALA A 439 13.76 15.55 -13.49
CA ALA A 439 13.82 16.88 -14.11
C ALA A 439 12.58 17.73 -13.82
N GLY A 440 12.75 19.05 -13.80
CA GLY A 440 11.62 19.99 -13.99
C GLY A 440 10.77 20.35 -12.77
N VAL A 441 10.49 19.35 -11.95
CA VAL A 441 9.52 19.53 -10.84
C VAL A 441 10.28 19.99 -9.57
N PRO A 442 9.92 21.15 -9.00
CA PRO A 442 10.65 21.61 -7.81
C PRO A 442 10.42 20.73 -6.57
N LEU A 443 11.27 20.93 -5.57
CA LEU A 443 11.24 20.17 -4.31
C LEU A 443 9.86 20.12 -3.65
N VAL A 444 9.24 21.30 -3.57
CA VAL A 444 7.88 21.39 -3.02
C VAL A 444 7.03 22.52 -3.63
N TYR A 445 5.77 22.21 -3.92
CA TYR A 445 4.81 23.27 -4.19
C TYR A 445 3.45 22.99 -3.56
N GLU A 446 2.66 24.06 -3.43
CA GLU A 446 1.35 24.02 -2.79
C GLU A 446 0.29 24.37 -3.83
N ALA A 447 -0.78 23.57 -3.88
CA ALA A 447 -1.89 23.77 -4.81
C ALA A 447 -2.70 25.02 -4.41
N LEU A 448 -3.33 25.63 -5.40
CA LEU A 448 -3.95 26.96 -5.30
C LEU A 448 -5.35 26.88 -4.70
N SER A 449 -5.92 25.67 -4.76
CA SER A 449 -7.31 25.42 -4.36
C SER A 449 -7.50 23.92 -4.24
N TRP A 450 -8.66 23.50 -3.71
CA TRP A 450 -8.98 22.08 -3.70
C TRP A 450 -8.98 21.51 -5.11
N GLN A 451 -9.68 22.20 -6.02
CA GLN A 451 -9.78 21.76 -7.40
C GLN A 451 -8.42 21.63 -8.05
N HIS A 452 -7.58 22.64 -7.91
CA HIS A 452 -6.19 22.52 -8.33
C HIS A 452 -5.44 21.37 -7.67
N GLY A 453 -5.61 21.18 -6.36
CA GLY A 453 -5.01 20.03 -5.65
C GLY A 453 -5.41 18.66 -6.21
N VAL A 454 -6.68 18.51 -6.57
CA VAL A 454 -7.16 17.27 -7.16
C VAL A 454 -6.51 17.06 -8.56
N PHE A 455 -6.43 18.14 -9.35
CA PHE A 455 -5.72 18.07 -10.62
C PHE A 455 -4.25 17.65 -10.42
N VAL A 456 -3.60 18.18 -9.40
CA VAL A 456 -2.19 17.83 -9.09
C VAL A 456 -2.07 16.34 -8.78
N GLY A 457 -2.98 15.82 -7.96
CA GLY A 457 -3.15 14.36 -7.79
C GLY A 457 -3.29 13.60 -9.10
N ALA A 458 -4.23 14.05 -9.91
CA ALA A 458 -4.53 13.36 -11.17
C ALA A 458 -3.38 13.37 -12.16
N ALA A 459 -2.54 14.38 -12.05
CA ALA A 459 -1.45 14.58 -13.02
C ALA A 459 -0.17 13.85 -12.64
N MET A 460 -0.14 13.18 -11.48
CA MET A 460 1.13 12.64 -10.94
C MET A 460 1.80 11.69 -11.91
N ARG A 461 3.12 11.82 -12.07
CA ARG A 461 3.89 10.86 -12.86
C ARG A 461 5.11 10.52 -12.04
N SER A 462 5.66 9.34 -12.28
CA SER A 462 6.85 8.95 -11.54
C SER A 462 7.71 8.10 -12.45
N GLU A 463 9.02 8.30 -12.36
CA GLU A 463 9.94 7.51 -13.16
C GLU A 463 10.19 6.22 -12.43
N GLY A 464 9.50 5.17 -12.88
CA GLY A 464 9.71 3.81 -12.40
C GLY A 464 9.64 2.84 -13.56
N GLY A 465 10.81 2.58 -14.18
CA GLY A 465 10.86 1.78 -15.41
C GLY A 465 10.23 2.60 -16.53
N GLY A 466 10.79 3.79 -16.74
CA GLY A 466 10.20 4.83 -17.58
C GLY A 466 9.32 5.78 -16.77
N ILE A 467 9.20 7.02 -17.25
CA ILE A 467 8.28 7.99 -16.67
C ILE A 467 6.82 7.61 -17.03
N MET A 468 6.00 7.29 -16.02
CA MET A 468 4.63 6.80 -16.26
C MET A 468 3.64 7.51 -15.33
N HIS A 469 2.40 7.66 -15.78
CA HIS A 469 1.37 8.27 -14.96
C HIS A 469 0.97 7.36 -13.84
N ASP A 470 0.82 7.91 -12.63
CA ASP A 470 0.35 7.12 -11.49
C ASP A 470 -0.52 8.08 -10.65
N PRO A 471 -1.74 8.36 -11.12
CA PRO A 471 -2.48 9.42 -10.49
C PRO A 471 -2.86 9.00 -9.06
N PHE A 472 -2.67 9.94 -8.13
CA PHE A 472 -2.92 9.64 -6.68
C PHE A 472 -2.15 8.44 -6.13
N ALA A 473 -1.10 7.96 -6.86
CA ALA A 473 -0.39 6.71 -6.50
C ALA A 473 -1.34 5.52 -6.51
N MET A 474 -2.47 5.65 -7.23
CA MET A 474 -3.51 4.62 -7.22
C MET A 474 -3.66 3.87 -8.55
N ARG A 475 -2.75 4.08 -9.50
CA ARG A 475 -2.96 3.42 -10.82
C ARG A 475 -3.33 1.92 -10.75
N PRO A 476 -2.64 1.11 -9.91
CA PRO A 476 -2.94 -0.32 -9.90
C PRO A 476 -4.10 -0.66 -8.97
N PHE A 477 -4.72 0.33 -8.36
CA PHE A 477 -5.59 0.07 -7.19
C PHE A 477 -6.99 0.68 -7.26
N PHE A 478 -7.36 1.37 -8.36
CA PHE A 478 -8.73 1.96 -8.44
C PHE A 478 -9.79 0.89 -8.38
N GLY A 479 -10.76 1.06 -7.48
CA GLY A 479 -11.84 0.06 -7.41
C GLY A 479 -12.92 0.26 -8.48
N TYR A 480 -12.85 1.38 -9.21
CA TYR A 480 -13.89 1.77 -10.18
C TYR A 480 -13.33 2.86 -11.11
N ASN A 481 -14.17 3.34 -12.01
CA ASN A 481 -13.75 4.27 -13.05
C ASN A 481 -13.01 5.48 -12.50
N PHE A 482 -11.77 5.69 -12.97
CA PHE A 482 -10.92 6.75 -12.44
C PHE A 482 -11.59 8.11 -12.63
N GLY A 483 -12.29 8.34 -13.76
CA GLY A 483 -12.96 9.65 -13.96
C GLY A 483 -13.94 9.91 -12.83
N LYS A 484 -14.68 8.85 -12.45
CA LYS A 484 -15.67 8.96 -11.37
C LYS A 484 -14.99 9.16 -10.01
N TYR A 485 -13.83 8.52 -9.85
CA TYR A 485 -12.98 8.75 -8.67
C TYR A 485 -12.55 10.22 -8.57
N LEU A 486 -12.17 10.83 -9.70
CA LEU A 486 -11.87 12.28 -9.68
C LEU A 486 -13.09 13.11 -9.26
N ALA A 487 -14.27 12.76 -9.80
CA ALA A 487 -15.49 13.48 -9.45
C ALA A 487 -15.79 13.33 -7.94
N HIS A 488 -15.55 12.13 -7.41
CA HIS A 488 -15.73 11.87 -5.99
C HIS A 488 -14.84 12.79 -5.16
N TRP A 489 -13.54 12.87 -5.52
CA TRP A 489 -12.62 13.80 -4.83
C TRP A 489 -13.08 15.24 -4.86
N LEU A 490 -13.51 15.65 -6.04
CA LEU A 490 -13.94 17.03 -6.29
C LEU A 490 -15.20 17.29 -5.48
N SER A 491 -16.07 16.28 -5.35
CA SER A 491 -17.30 16.48 -4.58
C SER A 491 -17.07 16.85 -3.10
N MET A 492 -15.90 16.53 -2.57
CA MET A 492 -15.62 16.85 -1.16
C MET A 492 -15.68 18.35 -0.85
N ALA A 493 -15.41 19.15 -1.87
CA ALA A 493 -15.45 20.62 -1.77
C ALA A 493 -16.87 21.14 -1.47
N HIS A 494 -17.90 20.34 -1.76
CA HIS A 494 -19.29 20.82 -1.61
C HIS A 494 -19.92 20.35 -0.34
N ARG A 495 -19.11 19.72 0.50
CA ARG A 495 -19.53 19.30 1.82
C ARG A 495 -19.54 20.50 2.75
N PRO A 496 -20.74 20.93 3.18
CA PRO A 496 -20.80 22.12 4.03
C PRO A 496 -19.92 21.93 5.27
N ALA A 497 -19.19 22.98 5.65
CA ALA A 497 -18.33 23.01 6.86
C ALA A 497 -17.07 22.15 6.75
N ALA A 498 -16.84 21.55 5.59
CA ALA A 498 -15.67 20.70 5.41
C ALA A 498 -14.41 21.54 5.60
N LYS A 499 -13.45 21.01 6.35
CA LYS A 499 -12.16 21.65 6.52
C LYS A 499 -11.21 20.90 5.57
N LEU A 500 -11.09 21.41 4.35
CA LEU A 500 -10.29 20.73 3.32
C LEU A 500 -8.80 20.90 3.60
N PRO A 501 -8.04 19.79 3.59
CA PRO A 501 -6.61 19.88 3.81
C PRO A 501 -5.97 20.69 2.70
N LYS A 502 -4.88 21.35 3.05
CA LYS A 502 -4.02 21.98 2.07
C LYS A 502 -3.34 20.85 1.30
N ILE A 503 -3.22 21.02 -0.02
CA ILE A 503 -2.60 19.98 -0.85
C ILE A 503 -1.23 20.45 -1.33
N PHE A 504 -0.22 19.58 -1.18
CA PHE A 504 1.13 19.90 -1.66
C PHE A 504 1.57 18.82 -2.62
N HIS A 505 2.62 19.12 -3.38
CA HIS A 505 3.33 18.16 -4.23
C HIS A 505 4.81 18.26 -3.94
N VAL A 506 5.44 17.12 -3.73
CA VAL A 506 6.88 17.13 -3.43
C VAL A 506 7.67 16.37 -4.49
N ASN A 507 8.97 16.64 -4.50
CA ASN A 507 9.88 15.86 -5.34
C ASN A 507 11.23 15.76 -4.64
N TRP A 508 11.50 14.59 -4.07
CA TRP A 508 12.80 14.38 -3.38
C TRP A 508 13.89 14.05 -4.37
N PHE A 509 13.50 13.83 -5.62
CA PHE A 509 14.31 13.06 -6.58
C PHE A 509 14.83 13.83 -7.79
N ARG A 510 14.76 15.17 -7.76
CA ARG A 510 15.29 15.96 -8.87
C ARG A 510 16.81 15.79 -8.97
N LYS A 511 17.33 15.68 -10.19
CA LYS A 511 18.77 15.45 -10.41
C LYS A 511 19.32 16.57 -11.28
N ASP A 512 20.65 16.75 -11.24
CA ASP A 512 21.32 17.64 -12.19
C ASP A 512 21.74 16.86 -13.44
N LYS A 513 22.43 17.51 -14.37
CA LYS A 513 22.77 16.90 -15.69
C LYS A 513 23.69 15.70 -15.59
N ASN A 514 24.36 15.58 -14.45
CA ASN A 514 25.27 14.49 -14.17
C ASN A 514 24.59 13.33 -13.43
N GLY A 515 23.29 13.50 -13.13
CA GLY A 515 22.52 12.46 -12.49
C GLY A 515 22.57 12.53 -10.97
N LYS A 516 23.11 13.61 -10.41
CA LYS A 516 23.24 13.70 -8.96
C LYS A 516 21.98 14.32 -8.31
N PHE A 517 21.48 13.70 -7.25
CA PHE A 517 20.34 14.27 -6.51
C PHE A 517 20.65 15.70 -6.05
N LEU A 518 19.73 16.62 -6.30
CA LEU A 518 19.89 18.01 -5.85
C LEU A 518 19.52 18.22 -4.37
N TRP A 519 18.75 17.30 -3.79
CA TRP A 519 18.28 17.44 -2.41
C TRP A 519 18.71 16.22 -1.64
N PRO A 520 19.28 16.42 -0.41
CA PRO A 520 19.77 15.26 0.32
C PRO A 520 18.68 14.30 0.82
N GLY A 521 17.47 14.81 1.06
CA GLY A 521 16.33 13.97 1.40
C GLY A 521 16.42 13.33 2.77
N PHE A 522 15.63 12.27 2.95
CA PHE A 522 15.54 11.50 4.20
C PHE A 522 15.18 12.43 5.35
N GLY A 523 15.94 12.38 6.45
CA GLY A 523 15.62 13.26 7.59
C GLY A 523 15.58 14.74 7.23
N GLU A 524 16.27 15.14 6.15
CA GLU A 524 16.32 16.54 5.78
C GLU A 524 14.97 16.99 5.25
N ASN A 525 14.11 16.02 4.89
CA ASN A 525 12.76 16.36 4.40
C ASN A 525 11.93 17.01 5.49
N SER A 526 12.39 16.91 6.75
CA SER A 526 11.74 17.63 7.86
C SER A 526 11.67 19.14 7.55
N ARG A 527 12.64 19.64 6.77
CA ARG A 527 12.69 21.06 6.43
C ARG A 527 11.51 21.46 5.53
N VAL A 528 11.12 20.54 4.64
CA VAL A 528 9.96 20.75 3.80
C VAL A 528 8.68 20.61 4.61
N LEU A 529 8.60 19.60 5.49
CA LEU A 529 7.42 19.48 6.35
C LEU A 529 7.22 20.74 7.18
N GLU A 530 8.33 21.30 7.67
CA GLU A 530 8.27 22.55 8.49
C GLU A 530 7.61 23.65 7.68
N TRP A 531 8.01 23.78 6.41
CA TRP A 531 7.36 24.74 5.54
C TRP A 531 5.88 24.46 5.35
N MET A 532 5.52 23.19 5.14
CA MET A 532 4.12 22.86 5.01
C MET A 532 3.32 23.24 6.27
N PHE A 533 3.87 22.90 7.43
CA PHE A 533 3.26 23.14 8.75
C PHE A 533 2.94 24.63 8.92
N GLY A 534 3.94 25.43 8.59
CA GLY A 534 3.81 26.89 8.65
C GLY A 534 2.76 27.40 7.71
N ARG A 535 2.74 26.86 6.49
CA ARG A 535 1.70 27.20 5.54
C ARG A 535 0.27 26.87 5.99
N ILE A 536 0.10 25.72 6.65
CA ILE A 536 -1.21 25.33 7.17
C ILE A 536 -1.62 26.34 8.25
N GLU A 537 -0.64 26.80 9.03
CA GLU A 537 -0.82 27.89 10.03
C GLU A 537 -1.12 29.27 9.40
N GLY A 538 -1.03 29.36 8.08
CA GLY A 538 -1.32 30.59 7.34
C GLY A 538 -0.17 31.59 7.30
N GLU A 539 1.04 31.11 7.48
CA GLU A 539 2.19 31.96 7.42
C GLU A 539 2.45 32.46 6.00
N ASP A 540 3.02 33.66 5.91
CA ASP A 540 3.28 34.37 4.64
C ASP A 540 4.64 33.96 4.09
N SER A 541 4.79 32.66 3.82
CA SER A 541 6.09 32.09 3.48
C SER A 541 6.13 31.56 2.04
N ALA A 542 5.11 31.90 1.26
CA ALA A 542 4.99 31.44 -0.14
C ALA A 542 5.09 32.52 -1.20
N LYS A 543 5.66 32.13 -2.32
CA LYS A 543 5.67 32.93 -3.53
C LYS A 543 4.83 32.22 -4.57
N LEU A 544 4.02 33.00 -5.30
CA LEU A 544 3.14 32.45 -6.32
C LEU A 544 3.97 32.18 -7.59
N THR A 545 3.76 31.02 -8.21
CA THR A 545 4.37 30.66 -9.49
C THR A 545 3.28 30.04 -10.34
N PRO A 546 3.57 29.76 -11.64
CA PRO A 546 2.49 29.22 -12.44
C PRO A 546 1.99 27.84 -12.00
N ILE A 547 2.77 27.08 -11.24
CA ILE A 547 2.33 25.72 -10.92
C ILE A 547 1.74 25.68 -9.51
N GLY A 548 1.79 26.81 -8.83
CA GLY A 548 1.33 26.88 -7.44
C GLY A 548 2.27 27.67 -6.57
N TYR A 549 2.07 27.61 -5.26
CA TYR A 549 2.94 28.35 -4.36
C TYR A 549 4.19 27.53 -4.09
N VAL A 550 5.34 28.22 -4.02
CA VAL A 550 6.63 27.63 -3.62
C VAL A 550 7.17 28.41 -2.42
N PRO A 551 8.15 27.87 -1.67
CA PRO A 551 8.70 28.67 -0.57
C PRO A 551 9.32 29.95 -1.08
N LYS A 552 9.13 31.04 -0.35
CA LYS A 552 9.91 32.28 -0.58
C LYS A 552 11.39 32.03 -0.49
N GLU A 553 12.16 32.90 -1.13
CA GLU A 553 13.58 32.92 -0.84
C GLU A 553 13.77 33.04 0.67
N ASP A 554 14.66 32.22 1.21
CA ASP A 554 14.96 32.19 2.65
C ASP A 554 13.87 31.61 3.54
N ALA A 555 12.75 31.14 2.97
CA ALA A 555 11.66 30.55 3.76
C ALA A 555 12.04 29.18 4.35
N LEU A 556 12.81 28.40 3.61
CA LEU A 556 13.24 27.09 4.10
C LEU A 556 14.42 27.21 5.02
N ASN A 557 14.46 26.36 6.05
CA ASN A 557 15.62 26.28 6.91
C ASN A 557 16.66 25.40 6.23
N LEU A 558 17.73 26.03 5.76
CA LEU A 558 18.78 25.28 5.07
C LEU A 558 20.05 25.20 5.90
N LYS A 559 19.98 25.63 7.16
CA LYS A 559 21.15 25.58 8.06
C LYS A 559 21.64 24.17 8.26
N GLY A 560 22.89 23.93 7.86
CA GLY A 560 23.50 22.61 7.98
C GLY A 560 23.68 21.99 6.61
N LEU A 561 23.09 22.64 5.60
CA LEU A 561 23.11 22.17 4.21
C LEU A 561 23.74 23.17 3.23
N GLY A 562 24.97 23.62 3.51
CA GLY A 562 25.55 24.71 2.73
C GLY A 562 25.62 24.62 1.21
N ASP A 563 25.86 23.43 0.67
CA ASP A 563 26.14 23.33 -0.75
C ASP A 563 24.93 22.92 -1.60
N VAL A 564 23.76 23.48 -1.27
CA VAL A 564 22.50 23.14 -1.97
C VAL A 564 22.19 24.10 -3.12
N ASN A 565 22.19 23.55 -4.32
CA ASN A 565 21.93 24.28 -5.53
C ASN A 565 20.47 24.70 -5.56
N VAL A 566 20.19 25.86 -4.98
CA VAL A 566 18.84 26.35 -4.75
C VAL A 566 18.16 26.79 -6.06
N GLU A 567 18.96 27.32 -6.98
CA GLU A 567 18.48 27.85 -8.25
C GLU A 567 17.89 26.72 -9.11
N GLU A 568 18.56 25.59 -9.10
CA GLU A 568 18.20 24.44 -9.91
C GLU A 568 17.10 23.64 -9.24
N LEU A 569 17.19 23.50 -7.92
CA LEU A 569 16.22 22.70 -7.18
C LEU A 569 14.81 23.32 -7.26
N PHE A 570 14.73 24.65 -7.26
CA PHE A 570 13.43 25.31 -7.31
C PHE A 570 13.09 25.93 -8.64
N GLY A 571 13.94 25.72 -9.64
CA GLY A 571 13.72 26.28 -10.97
C GLY A 571 12.47 25.78 -11.66
N ILE A 572 11.77 26.69 -12.32
CA ILE A 572 10.62 26.34 -13.15
C ILE A 572 10.90 26.85 -14.56
N SER A 573 10.87 25.94 -15.51
CA SER A 573 11.18 26.22 -16.91
C SER A 573 9.91 26.27 -17.74
N LYS A 574 9.69 27.37 -18.45
CA LYS A 574 8.56 27.42 -19.37
C LYS A 574 8.55 26.23 -20.32
N GLU A 575 9.73 25.87 -20.85
CA GLU A 575 9.81 24.82 -21.85
CA GLU A 575 9.78 24.82 -21.86
C GLU A 575 9.41 23.45 -21.27
N PHE A 576 9.89 23.16 -20.06
CA PHE A 576 9.54 21.88 -19.41
C PHE A 576 8.03 21.80 -19.18
N TRP A 577 7.49 22.89 -18.66
CA TRP A 577 6.08 22.90 -18.27
C TRP A 577 5.09 22.95 -19.40
N GLU A 578 5.51 23.43 -20.58
CA GLU A 578 4.67 23.32 -21.77
C GLU A 578 4.55 21.89 -22.20
N LYS A 579 5.70 21.23 -22.18
CA LYS A 579 5.75 19.82 -22.47
C LYS A 579 4.90 19.04 -21.46
N GLU A 580 4.99 19.44 -20.21
CA GLU A 580 4.33 18.68 -19.13
C GLU A 580 2.80 18.79 -19.34
N VAL A 581 2.32 20.02 -19.55
CA VAL A 581 0.87 20.17 -19.76
C VAL A 581 0.33 19.50 -21.02
N GLU A 582 1.09 19.50 -22.11
CA GLU A 582 0.65 18.82 -23.32
C GLU A 582 0.59 17.32 -23.11
N GLU A 583 1.58 16.78 -22.40
CA GLU A 583 1.57 15.36 -22.09
C GLU A 583 0.39 15.02 -21.17
N ILE A 584 0.15 15.83 -20.15
CA ILE A 584 -1.01 15.58 -19.23
C ILE A 584 -2.32 15.61 -20.02
N ASP A 585 -2.44 16.56 -20.95
CA ASP A 585 -3.64 16.72 -21.79
C ASP A 585 -3.86 15.49 -22.66
N LYS A 586 -2.81 15.01 -23.31
CA LYS A 586 -2.95 13.83 -24.14
C LYS A 586 -3.29 12.58 -23.34
N TYR A 587 -2.65 12.40 -22.18
CA TYR A 587 -2.92 11.24 -21.32
C TYR A 587 -4.38 11.24 -20.84
N LEU A 588 -4.83 12.36 -20.28
CA LEU A 588 -6.21 12.46 -19.78
C LEU A 588 -7.20 12.22 -20.89
N GLU A 589 -6.92 12.81 -22.06
CA GLU A 589 -7.78 12.57 -23.21
C GLU A 589 -7.84 11.09 -23.61
N ASP A 590 -6.70 10.45 -23.71
CA ASP A 590 -6.66 9.08 -24.16
C ASP A 590 -7.23 8.12 -23.11
N GLN A 591 -6.90 8.37 -21.84
CA GLN A 591 -7.21 7.37 -20.80
C GLN A 591 -8.51 7.63 -20.04
N VAL A 592 -8.97 8.86 -20.04
CA VAL A 592 -10.13 9.23 -19.22
C VAL A 592 -11.31 9.75 -20.06
N ASN A 593 -10.97 10.61 -21.03
CA ASN A 593 -11.91 11.14 -22.04
C ASN A 593 -13.28 11.58 -21.55
N ALA A 594 -14.35 10.87 -21.93
CA ALA A 594 -15.72 11.29 -21.61
C ALA A 594 -16.00 11.26 -20.11
N ASP A 595 -15.13 10.60 -19.35
CA ASP A 595 -15.29 10.56 -17.90
C ASP A 595 -14.47 11.59 -17.12
N LEU A 596 -13.71 12.44 -17.81
CA LEU A 596 -12.98 13.53 -17.13
C LEU A 596 -13.91 14.66 -16.65
N PRO A 597 -13.93 14.93 -15.32
CA PRO A 597 -14.75 16.01 -14.81
C PRO A 597 -14.35 17.37 -15.36
N TYR A 598 -15.35 18.20 -15.54
CA TYR A 598 -15.17 19.56 -16.02
C TYR A 598 -14.08 20.30 -15.27
N GLU A 599 -14.05 20.15 -13.95
CA GLU A 599 -13.10 20.90 -13.15
C GLU A 599 -11.67 20.49 -13.42
N ILE A 600 -11.46 19.24 -13.83
CA ILE A 600 -10.10 18.80 -14.09
C ILE A 600 -9.67 19.40 -15.41
N GLU A 601 -10.57 19.34 -16.38
CA GLU A 601 -10.30 20.01 -17.64
C GLU A 601 -10.03 21.53 -17.44
N ARG A 602 -10.82 22.19 -16.60
CA ARG A 602 -10.65 23.62 -16.30
C ARG A 602 -9.27 23.88 -15.66
N GLU A 603 -8.88 23.05 -14.69
CA GLU A 603 -7.54 23.23 -14.08
C GLU A 603 -6.41 23.09 -15.11
N LEU A 604 -6.54 22.11 -15.98
CA LEU A 604 -5.59 21.90 -17.03
C LEU A 604 -5.49 23.14 -17.92
N ARG A 605 -6.63 23.72 -18.30
CA ARG A 605 -6.60 24.93 -19.15
C ARG A 605 -6.01 26.10 -18.38
N ALA A 606 -6.33 26.22 -17.09
CA ALA A 606 -5.77 27.28 -16.24
C ALA A 606 -4.27 27.19 -16.12
N LEU A 607 -3.75 25.97 -15.93
CA LEU A 607 -2.28 25.72 -15.89
C LEU A 607 -1.63 26.09 -17.22
N LYS A 608 -2.18 25.56 -18.31
CA LYS A 608 -1.67 25.94 -19.63
C LYS A 608 -1.57 27.46 -19.81
N GLN A 609 -2.62 28.17 -19.38
CA GLN A 609 -2.64 29.60 -19.52
C GLN A 609 -1.54 30.26 -18.69
N ARG A 610 -1.37 29.82 -17.44
CA ARG A 610 -0.37 30.43 -16.56
C ARG A 610 1.03 30.26 -17.18
N ILE A 611 1.30 29.08 -17.73
CA ILE A 611 2.61 28.80 -18.32
CA ILE A 611 2.58 28.76 -18.35
C ILE A 611 2.76 29.66 -19.57
N SER A 612 1.68 29.84 -20.33
CA SER A 612 1.74 30.65 -21.57
C SER A 612 2.19 32.09 -21.33
N GLN A 613 2.01 32.58 -20.10
CA GLN A 613 2.32 33.95 -19.69
C GLN A 613 3.70 34.11 -19.03
N MET A 614 4.45 33.01 -18.90
CA MET A 614 5.87 33.06 -18.51
C MET A 614 6.67 33.72 -19.64
PB GDP B . 7.90 3.16 -0.25
O1B GDP B . 8.08 1.95 -1.11
O2B GDP B . 7.39 2.87 1.15
O3B GDP B . 7.04 4.24 -0.90
O3A GDP B . 9.39 3.80 -0.15
PA GDP B . 10.59 3.59 0.95
O1A GDP B . 10.71 2.14 1.30
O2A GDP B . 10.50 4.70 1.98
O5' GDP B . 11.81 4.00 -0.05
C5' GDP B . 12.12 3.30 -1.25
C4' GDP B . 13.50 3.76 -1.75
O4' GDP B . 13.55 5.20 -1.92
C3' GDP B . 14.56 3.37 -0.74
O3' GDP B . 15.78 2.97 -1.42
C2' GDP B . 14.83 4.66 0.00
O2' GDP B . 16.13 4.61 0.61
C1' GDP B . 14.58 5.72 -1.09
N9 GDP B . 14.15 7.00 -0.50
C8 GDP B . 13.16 7.21 0.39
N7 GDP B . 13.08 8.54 0.73
C5 GDP B . 14.05 9.16 0.02
C6 GDP B . 14.55 10.54 -0.11
O6 GDP B . 14.04 11.46 0.57
N1 GDP B . 15.58 10.76 -0.95
C2 GDP B . 16.17 9.75 -1.65
N2 GDP B . 17.22 9.98 -2.49
N3 GDP B . 15.76 8.48 -1.56
C4 GDP B . 14.72 8.15 -0.78
MN MN C . 1.70 0.34 -1.36
C1 PEP D . 3.30 -7.12 -3.60
O1 PEP D . 2.87 -8.06 -2.91
O2' PEP D . 4.13 -7.30 -4.54
C2 PEP D . 2.81 -5.78 -3.29
C3 PEP D . 2.00 -5.50 -2.25
O2 PEP D . 3.29 -4.81 -4.21
P PEP D . 3.45 -3.22 -4.00
O1P PEP D . 3.95 -2.88 -2.61
O2P PEP D . 4.43 -2.98 -5.15
O3P PEP D . 2.06 -2.72 -4.17
NA NA E . 10.75 -21.89 0.49
MN MN F . 6.66 0.60 2.26
#